data_7D9L
#
_entry.id   7D9L
#
_cell.length_a   46.095
_cell.length_b   106.758
_cell.length_c   42.130
_cell.angle_alpha   90.000
_cell.angle_beta   90.000
_cell.angle_gamma   90.000
#
_symmetry.space_group_name_H-M   'P 21 21 2'
#
loop_
_entity.id
_entity.type
_entity.pdbx_description
1 polymer Glutaredoxin
2 non-polymer 'ZINC ION'
3 non-polymer 'CHLORIDE ION'
4 non-polymer 'SULFATE ION'
5 non-polymer L-GAMMA-GLUTAMYL-3-SULFINO-L-ALANYLGLYCINE
6 non-polymer 'OXYGEN MOLECULE'
7 water water
#
_entity_poly.entity_id   1
_entity_poly.type   'polypeptide(L)'
_entity_poly.pdbx_seq_one_letter_code
;MKLYIYDHCPYCLKARMIFGLKNIPVELHVLLNDDAETPTRMVGQKQVPILQKDDSRYMPESMDIVHYVDKLDGKPLLTG
KRSPAIEEWLRKVNGYANKLLLPRFAKSAFDEFSTPAARKYFVDKKEASAGNFADLLAHSDGLIKNISDDLRALDKLIVK
PNAVNGELSEDDIQLFPLLRNLTLVAGINWPSRVADYRDNMAKQTQINLLSSMAI
;
_entity_poly.pdbx_strand_id   A
#
loop_
_chem_comp.id
_chem_comp.type
_chem_comp.name
_chem_comp.formula
CL non-polymer 'CHLORIDE ION' 'Cl -1'
GSF non-polymer L-GAMMA-GLUTAMYL-3-SULFINO-L-ALANYLGLYCINE 'C10 H17 N3 O8 S'
OXY non-polymer 'OXYGEN MOLECULE' O2
SO4 non-polymer 'SULFATE ION' 'O4 S -2'
ZN non-polymer 'ZINC ION' 'Zn 2'
#
# COMPACT_ATOMS: atom_id res chain seq x y z
N MET A 1 -19.17 5.86 5.27
CA MET A 1 -17.93 6.56 5.15
C MET A 1 -17.43 6.38 3.73
N LYS A 2 -16.64 7.36 3.26
CA LYS A 2 -16.04 7.31 1.91
C LYS A 2 -14.54 7.49 2.09
N LEU A 3 -13.79 6.82 1.25
CA LEU A 3 -12.32 6.95 1.22
C LEU A 3 -11.87 7.31 -0.19
N TYR A 4 -11.17 8.43 -0.30
CA TYR A 4 -10.65 9.00 -1.55
C TYR A 4 -9.16 8.64 -1.58
N ILE A 5 -8.82 7.91 -2.64
CA ILE A 5 -7.54 7.17 -2.72
C ILE A 5 -6.91 7.27 -4.09
N TYR A 6 -5.66 6.83 -4.14
CA TYR A 6 -5.03 6.25 -5.35
C TYR A 6 -4.91 4.77 -5.04
N ASP A 7 -5.20 3.93 -6.02
CA ASP A 7 -5.12 2.46 -5.82
C ASP A 7 -3.69 2.06 -5.46
N HIS A 8 -2.67 2.67 -6.05
CA HIS A 8 -1.26 2.25 -5.78
C HIS A 8 -0.79 2.75 -4.43
N CYS A 9 -1.44 3.77 -3.88
CA CYS A 9 -0.90 4.54 -2.74
C CYS A 9 -0.78 3.70 -1.50
N PRO A 10 0.44 3.52 -0.97
CA PRO A 10 0.57 2.71 0.24
C PRO A 10 -0.13 3.32 1.46
N TYR A 11 -0.20 4.64 1.54
CA TYR A 11 -0.92 5.28 2.66
C TYR A 11 -2.40 4.94 2.57
N CYS A 12 -2.90 4.98 1.35
CA CYS A 12 -4.30 4.65 1.04
C CYS A 12 -4.54 3.18 1.42
N LEU A 13 -3.62 2.31 1.07
CA LEU A 13 -3.77 0.90 1.40
C LEU A 13 -3.86 0.72 2.91
N LYS A 14 -3.03 1.42 3.70
CA LYS A 14 -3.11 1.33 5.17
C LYS A 14 -4.53 1.65 5.62
N ALA A 15 -5.09 2.76 5.15
CA ALA A 15 -6.48 3.12 5.51
C ALA A 15 -7.47 2.04 5.04
N ARG A 16 -7.34 1.51 3.82
CA ARG A 16 -8.27 0.47 3.34
C ARG A 16 -8.17 -0.75 4.26
N MET A 17 -6.99 -1.07 4.76
CA MET A 17 -6.80 -2.28 5.56
C MET A 17 -7.72 -2.25 6.76
N ILE A 18 -7.75 -1.14 7.48
CA ILE A 18 -8.44 -1.15 8.80
C ILE A 18 -9.94 -1.34 8.58
N PHE A 19 -10.52 -0.84 7.48
CA PHE A 19 -11.97 -1.07 7.20
C PHE A 19 -12.21 -2.56 7.04
N GLY A 20 -11.34 -3.21 6.26
CA GLY A 20 -11.50 -4.64 5.97
C GLY A 20 -11.33 -5.46 7.23
N LEU A 21 -10.32 -5.17 8.00
CA LEU A 21 -10.04 -5.91 9.25
C LEU A 21 -11.20 -5.76 10.24
N LYS A 22 -11.86 -4.61 10.27
CA LYS A 22 -12.99 -4.41 11.19
C LYS A 22 -14.35 -4.78 10.57
N ASN A 23 -14.40 -5.21 9.31
CA ASN A 23 -15.67 -5.51 8.60
C ASN A 23 -16.56 -4.26 8.61
N ILE A 24 -15.96 -3.11 8.43
CA ILE A 24 -16.72 -1.84 8.29
C ILE A 24 -16.79 -1.48 6.81
N PRO A 25 -18.01 -1.35 6.26
CA PRO A 25 -18.15 -1.02 4.86
C PRO A 25 -17.59 0.39 4.62
N VAL A 26 -17.09 0.63 3.41
CA VAL A 26 -16.59 1.97 3.05
C VAL A 26 -16.69 2.07 1.54
N GLU A 27 -17.09 3.23 1.06
CA GLU A 27 -17.20 3.51 -0.39
C GLU A 27 -15.86 4.05 -0.86
N LEU A 28 -15.19 3.36 -1.77
CA LEU A 28 -13.90 3.85 -2.30
C LEU A 28 -14.15 4.76 -3.49
N HIS A 29 -13.34 5.80 -3.58
CA HIS A 29 -13.32 6.67 -4.76
C HIS A 29 -11.88 6.87 -5.16
N VAL A 30 -11.54 6.45 -6.37
CA VAL A 30 -10.16 6.65 -6.87
C VAL A 30 -10.09 8.01 -7.54
N LEU A 31 -9.24 8.89 -7.04
CA LEU A 31 -9.01 10.20 -7.69
C LEU A 31 -7.98 10.08 -8.82
N LEU A 32 -8.11 10.94 -9.83
CA LEU A 32 -7.06 11.02 -10.86
C LEU A 32 -5.81 11.59 -10.21
N ASN A 33 -4.63 11.12 -10.63
CA ASN A 33 -3.36 11.48 -9.94
C ASN A 33 -3.04 12.97 -10.09
N ASP A 34 -3.59 13.61 -11.11
CA ASP A 34 -3.34 15.03 -11.39
C ASP A 34 -4.46 15.93 -10.86
N ASP A 35 -5.42 15.39 -10.11
CA ASP A 35 -6.58 16.17 -9.62
C ASP A 35 -6.24 16.82 -8.27
N ALA A 36 -5.95 18.11 -8.27
CA ALA A 36 -5.64 18.84 -7.02
C ALA A 36 -6.96 19.39 -6.47
N GLU A 37 -7.90 19.75 -7.34
CA GLU A 37 -9.10 20.51 -6.94
C GLU A 37 -9.93 19.68 -5.95
N THR A 38 -10.14 18.41 -6.24
CA THR A 38 -11.04 17.58 -5.41
C THR A 38 -10.50 17.40 -3.99
N PRO A 39 -9.25 16.92 -3.75
CA PRO A 39 -8.74 16.79 -2.39
C PRO A 39 -8.63 18.18 -1.76
N THR A 40 -8.31 19.21 -2.55
CA THR A 40 -8.10 20.55 -1.98
C THR A 40 -9.44 21.03 -1.39
N ARG A 41 -10.57 20.77 -2.06
CA ARG A 41 -11.90 21.19 -1.53
C ARG A 41 -12.16 20.47 -0.20
N MET A 42 -11.67 19.24 -0.05
CA MET A 42 -11.97 18.43 1.13
C MET A 42 -11.06 18.80 2.30
N VAL A 43 -9.76 18.91 2.10
CA VAL A 43 -8.81 19.01 3.23
C VAL A 43 -7.82 20.14 3.02
N GLY A 44 -7.84 20.82 1.88
CA GLY A 44 -7.06 22.07 1.74
C GLY A 44 -5.84 21.93 0.82
N GLN A 45 -5.44 20.70 0.48
CA GLN A 45 -4.30 20.48 -0.43
C GLN A 45 -4.40 19.09 -1.01
N LYS A 46 -3.63 18.86 -2.08
CA LYS A 46 -3.67 17.56 -2.80
C LYS A 46 -2.93 16.50 -2.00
N GLN A 47 -3.70 15.60 -1.41
CA GLN A 47 -3.12 14.44 -0.71
C GLN A 47 -4.20 13.39 -0.58
N VAL A 48 -3.75 12.14 -0.55
CA VAL A 48 -4.64 10.98 -0.27
C VAL A 48 -3.88 10.13 0.73
N PRO A 49 -4.55 9.37 1.59
CA PRO A 49 -5.99 9.21 1.60
C PRO A 49 -6.74 10.38 2.28
N ILE A 50 -8.02 10.43 1.96
CA ILE A 50 -8.96 11.33 2.65
C ILE A 50 -10.17 10.52 3.05
N LEU A 51 -10.51 10.56 4.31
CA LEU A 51 -11.73 9.90 4.83
C LEU A 51 -12.82 10.96 4.94
N GLN A 52 -13.99 10.68 4.40
CA GLN A 52 -15.24 11.40 4.73
C GLN A 52 -15.95 10.58 5.82
N LYS A 53 -16.01 11.14 7.01
CA LYS A 53 -16.63 10.48 8.18
C LYS A 53 -18.16 10.49 8.01
N ASP A 54 -18.84 9.71 8.81
CA ASP A 54 -20.31 9.59 8.65
C ASP A 54 -20.99 10.91 9.03
N ASP A 55 -20.35 11.85 9.72
CA ASP A 55 -20.90 13.22 9.91
C ASP A 55 -20.60 14.17 8.73
N SER A 56 -20.10 13.67 7.61
CA SER A 56 -19.78 14.41 6.36
C SER A 56 -18.48 15.20 6.49
N ARG A 57 -17.83 15.26 7.64
CA ARG A 57 -16.55 16.00 7.76
C ARG A 57 -15.43 15.16 7.12
N TYR A 58 -14.39 15.82 6.60
CA TYR A 58 -13.28 15.13 5.91
C TYR A 58 -12.07 15.13 6.83
N MET A 59 -11.30 14.07 6.77
CA MET A 59 -10.07 13.92 7.58
CA MET A 59 -10.05 14.03 7.54
C MET A 59 -8.94 13.41 6.70
N PRO A 60 -7.78 14.09 6.67
CA PRO A 60 -6.62 13.53 5.99
C PRO A 60 -5.79 12.75 7.00
N GLU A 61 -4.67 12.21 6.52
CA GLU A 61 -3.58 11.57 7.25
C GLU A 61 -3.88 10.11 7.55
N SER A 62 -3.19 9.21 6.83
CA SER A 62 -3.35 7.76 7.01
C SER A 62 -3.27 7.36 8.51
N MET A 63 -2.26 7.83 9.24
CA MET A 63 -2.09 7.46 10.66
C MET A 63 -3.39 7.84 11.42
N ASP A 64 -3.90 9.03 11.21
CA ASP A 64 -5.08 9.50 11.95
C ASP A 64 -6.29 8.63 11.55
N ILE A 65 -6.43 8.30 10.27
CA ILE A 65 -7.61 7.58 9.74
C ILE A 65 -7.56 6.16 10.32
N VAL A 66 -6.40 5.52 10.26
CA VAL A 66 -6.25 4.14 10.76
C VAL A 66 -6.72 4.10 12.22
N HIS A 67 -6.24 4.98 13.07
CA HIS A 67 -6.49 4.88 14.51
C HIS A 67 -7.90 5.34 14.82
N TYR A 68 -8.40 6.30 14.04
CA TYR A 68 -9.79 6.77 14.17
C TYR A 68 -10.74 5.59 13.93
N VAL A 69 -10.54 4.90 12.83
CA VAL A 69 -11.41 3.76 12.44
C VAL A 69 -11.22 2.59 13.40
N ASP A 70 -9.98 2.29 13.80
CA ASP A 70 -9.74 1.19 14.74
C ASP A 70 -10.52 1.43 16.05
N LYS A 71 -10.65 2.68 16.51
CA LYS A 71 -11.27 2.97 17.83
C LYS A 71 -12.79 3.15 17.71
N LEU A 72 -13.35 3.19 16.50
CA LEU A 72 -14.73 3.68 16.22
C LEU A 72 -15.74 2.96 17.13
N ASP A 73 -15.60 1.64 17.25
CA ASP A 73 -16.56 0.78 17.99
C ASP A 73 -16.03 0.51 19.40
N GLY A 74 -15.02 1.23 19.87
CA GLY A 74 -14.37 1.03 21.18
C GLY A 74 -13.73 -0.34 21.31
N LYS A 75 -13.46 -1.05 20.20
CA LYS A 75 -12.90 -2.42 20.20
C LYS A 75 -11.69 -2.42 19.26
N PRO A 76 -10.57 -1.75 19.61
CA PRO A 76 -9.43 -1.66 18.69
C PRO A 76 -8.82 -3.05 18.46
N LEU A 77 -8.43 -3.34 17.21
CA LEU A 77 -7.72 -4.58 16.79
C LEU A 77 -6.21 -4.42 16.84
N LEU A 78 -5.66 -3.20 16.70
CA LEU A 78 -4.19 -3.02 16.48
C LEU A 78 -3.50 -2.99 17.82
N THR A 79 -3.62 -4.08 18.56
CA THR A 79 -3.14 -4.13 19.97
C THR A 79 -1.89 -4.98 20.14
N GLY A 80 -1.48 -5.71 19.15
CA GLY A 80 -0.36 -6.64 19.31
C GLY A 80 0.96 -5.89 19.39
N LYS A 81 1.98 -6.57 19.84
CA LYS A 81 3.35 -6.02 20.00
C LYS A 81 3.94 -5.71 18.62
N ARG A 82 4.70 -4.62 18.54
CA ARG A 82 5.57 -4.29 17.40
C ARG A 82 6.78 -5.22 17.42
N SER A 83 7.40 -5.43 16.27
CA SER A 83 8.64 -6.25 16.13
C SER A 83 9.73 -5.38 15.52
N PRO A 84 10.81 -5.10 16.27
CA PRO A 84 11.94 -4.39 15.68
C PRO A 84 12.54 -5.05 14.45
N ALA A 85 12.53 -6.40 14.40
CA ALA A 85 13.05 -7.13 13.22
C ALA A 85 12.20 -6.80 11.98
N ILE A 86 10.88 -6.81 12.13
CA ILE A 86 9.97 -6.52 11.01
C ILE A 86 10.18 -5.07 10.59
N GLU A 87 10.21 -4.16 11.58
CA GLU A 87 10.36 -2.70 11.26
C GLU A 87 11.71 -2.47 10.54
N GLU A 88 12.77 -3.12 10.99
CA GLU A 88 14.11 -3.00 10.37
C GLU A 88 14.08 -3.57 8.96
N TRP A 89 13.38 -4.67 8.75
CA TRP A 89 13.23 -5.29 7.40
C TRP A 89 12.55 -4.30 6.47
N LEU A 90 11.52 -3.62 6.96
CA LEU A 90 10.82 -2.64 6.13
C LEU A 90 11.71 -1.46 5.80
N ARG A 91 12.51 -0.98 6.73
CA ARG A 91 13.41 0.14 6.42
C ARG A 91 14.40 -0.28 5.33
N LYS A 92 14.88 -1.52 5.42
CA LYS A 92 15.86 -2.02 4.45
C LYS A 92 15.22 -2.11 3.07
N VAL A 93 14.04 -2.74 3.01
CA VAL A 93 13.38 -2.97 1.71
C VAL A 93 12.89 -1.63 1.16
N ASN A 94 12.48 -0.70 1.99
CA ASN A 94 12.03 0.62 1.48
C ASN A 94 13.21 1.41 0.88
N GLY A 95 14.46 1.08 1.19
CA GLY A 95 15.67 1.61 0.52
C GLY A 95 15.67 1.39 -0.99
N TYR A 96 14.92 0.43 -1.52
CA TYR A 96 15.01 0.19 -2.98
C TYR A 96 13.68 -0.20 -3.59
N ALA A 97 12.65 -0.52 -2.82
CA ALA A 97 11.41 -1.08 -3.42
C ALA A 97 10.82 -0.14 -4.45
N ASN A 98 10.91 1.16 -4.22
CA ASN A 98 10.29 2.08 -5.20
C ASN A 98 11.04 2.05 -6.54
N LYS A 99 12.30 1.59 -6.59
CA LYS A 99 13.04 1.51 -7.86
C LYS A 99 12.35 0.46 -8.75
N LEU A 100 11.73 -0.54 -8.14
CA LEU A 100 10.88 -1.50 -8.88
C LEU A 100 9.49 -0.96 -9.09
N LEU A 101 8.91 -0.36 -8.05
CA LEU A 101 7.45 -0.10 -8.08
C LEU A 101 7.10 1.11 -8.92
N LEU A 102 7.84 2.25 -8.77
CA LEU A 102 7.37 3.47 -9.44
C LEU A 102 7.27 3.26 -10.95
N PRO A 103 8.26 2.67 -11.65
CA PRO A 103 8.21 2.60 -13.12
C PRO A 103 7.11 1.61 -13.56
N ARG A 104 6.81 0.66 -12.70
CA ARG A 104 5.74 -0.33 -12.96
C ARG A 104 4.35 0.30 -12.73
N PHE A 105 4.20 1.07 -11.66
CA PHE A 105 2.94 1.80 -11.43
C PHE A 105 2.64 2.66 -12.65
N ALA A 106 3.66 3.28 -13.26
CA ALA A 106 3.46 4.22 -14.38
C ALA A 106 2.95 3.50 -15.64
N LYS A 107 3.19 2.20 -15.77
CA LYS A 107 2.78 1.40 -16.94
CA LYS A 107 2.84 1.34 -16.91
C LYS A 107 1.50 0.62 -16.63
N SER A 108 0.94 0.78 -15.43
CA SER A 108 -0.17 -0.10 -15.04
C SER A 108 -1.55 0.53 -15.16
N ALA A 109 -2.56 -0.31 -15.08
CA ALA A 109 -3.97 0.08 -15.27
C ALA A 109 -4.63 0.47 -13.96
N PHE A 110 -3.98 1.21 -13.10
CA PHE A 110 -4.66 1.80 -11.92
C PHE A 110 -5.55 2.97 -12.37
N ASP A 111 -6.69 3.10 -11.72
CA ASP A 111 -7.68 4.12 -12.14
C ASP A 111 -7.12 5.53 -12.01
N GLU A 112 -6.21 5.77 -11.06
CA GLU A 112 -5.65 7.14 -10.91
C GLU A 112 -4.83 7.56 -12.12
N PHE A 113 -4.47 6.63 -13.01
CA PHE A 113 -3.70 6.98 -14.24
C PHE A 113 -4.54 6.86 -15.49
N SER A 114 -5.88 6.90 -15.39
CA SER A 114 -6.75 6.51 -16.51
C SER A 114 -6.85 7.61 -17.56
N THR A 115 -6.45 8.83 -17.30
CA THR A 115 -6.27 9.81 -18.37
C THR A 115 -4.79 9.91 -18.71
N PRO A 116 -4.48 10.26 -19.98
CA PRO A 116 -3.09 10.49 -20.32
C PRO A 116 -2.40 11.53 -19.43
N ALA A 117 -3.10 12.62 -19.14
CA ALA A 117 -2.52 13.71 -18.36
C ALA A 117 -2.22 13.21 -16.96
N ALA A 118 -3.08 12.34 -16.41
CA ALA A 118 -2.81 11.88 -15.04
C ALA A 118 -1.55 11.02 -15.05
N ARG A 119 -1.49 10.12 -16.03
CA ARG A 119 -0.33 9.21 -16.10
C ARG A 119 0.98 10.04 -16.32
N LYS A 120 0.90 11.05 -17.15
CA LYS A 120 2.08 11.86 -17.47
C LYS A 120 2.50 12.62 -16.21
N TYR A 121 1.53 13.18 -15.50
CA TYR A 121 1.79 13.86 -14.23
C TYR A 121 2.60 12.95 -13.31
N PHE A 122 2.14 11.72 -13.13
CA PHE A 122 2.86 10.78 -12.25
C PHE A 122 4.29 10.59 -12.76
N VAL A 123 4.45 10.35 -14.05
CA VAL A 123 5.79 10.02 -14.61
C VAL A 123 6.69 11.23 -14.43
N ASP A 124 6.20 12.41 -14.78
CA ASP A 124 7.01 13.64 -14.68
C ASP A 124 7.42 13.87 -13.22
N LYS A 125 6.52 13.68 -12.25
CA LYS A 125 6.85 13.98 -10.83
C LYS A 125 7.80 12.92 -10.29
N LYS A 126 7.61 11.66 -10.66
CA LYS A 126 8.38 10.56 -10.00
C LYS A 126 9.75 10.32 -10.65
N GLU A 127 9.88 10.60 -11.94
CA GLU A 127 11.18 10.49 -12.60
C GLU A 127 12.12 11.53 -12.01
N ALA A 128 11.61 12.75 -11.85
CA ALA A 128 12.33 13.90 -11.27
C ALA A 128 12.87 13.47 -9.90
N SER A 129 12.12 12.65 -9.16
CA SER A 129 12.44 12.26 -7.74
C SER A 129 13.24 10.94 -7.66
N ALA A 130 12.84 9.92 -8.42
CA ALA A 130 13.43 8.54 -8.41
C ALA A 130 14.53 8.36 -9.47
N GLY A 131 14.53 9.23 -10.49
CA GLY A 131 15.49 9.13 -11.61
C GLY A 131 14.85 8.41 -12.77
N ASN A 132 15.62 8.25 -13.83
CA ASN A 132 15.13 7.83 -15.16
C ASN A 132 14.51 6.43 -15.02
N PHE A 133 13.26 6.32 -15.42
CA PHE A 133 12.53 5.05 -15.30
C PHE A 133 13.15 3.99 -16.20
N ALA A 134 13.61 4.36 -17.39
CA ALA A 134 14.28 3.39 -18.26
C ALA A 134 15.47 2.74 -17.52
N ASP A 135 16.29 3.55 -16.86
CA ASP A 135 17.51 3.08 -16.17
C ASP A 135 17.06 2.15 -15.01
N LEU A 136 16.05 2.54 -14.26
CA LEU A 136 15.58 1.71 -13.14
C LEU A 136 15.09 0.35 -13.68
N LEU A 137 14.33 0.35 -14.75
CA LEU A 137 13.80 -0.88 -15.36
C LEU A 137 14.94 -1.74 -15.90
N ALA A 138 16.00 -1.13 -16.43
CA ALA A 138 17.18 -1.88 -16.90
C ALA A 138 17.89 -2.60 -15.73
N HIS A 139 17.70 -2.12 -14.49
CA HIS A 139 18.32 -2.74 -13.30
C HIS A 139 17.41 -3.77 -12.62
N SER A 140 16.30 -4.14 -13.28
CA SER A 140 15.29 -5.03 -12.67
C SER A 140 15.91 -6.33 -12.13
N ASP A 141 16.76 -6.97 -12.90
CA ASP A 141 17.15 -8.36 -12.53
C ASP A 141 17.78 -8.31 -11.11
N GLY A 142 18.70 -7.40 -10.85
CA GLY A 142 19.34 -7.30 -9.53
C GLY A 142 18.35 -6.92 -8.46
N LEU A 143 17.43 -6.02 -8.81
CA LEU A 143 16.44 -5.56 -7.81
C LEU A 143 15.46 -6.68 -7.46
N ILE A 144 15.07 -7.44 -8.47
CA ILE A 144 14.15 -8.59 -8.26
C ILE A 144 14.85 -9.66 -7.44
N LYS A 145 16.12 -9.94 -7.69
CA LYS A 145 16.87 -10.90 -6.87
C LYS A 145 16.87 -10.36 -5.44
N ASN A 146 17.16 -9.07 -5.29
CA ASN A 146 17.36 -8.51 -3.90
C ASN A 146 16.02 -8.70 -3.13
N ILE A 147 14.89 -8.41 -3.78
CA ILE A 147 13.61 -8.55 -3.04
C ILE A 147 13.28 -10.03 -2.80
N SER A 148 13.56 -10.92 -3.77
CA SER A 148 13.31 -12.36 -3.56
C SER A 148 14.11 -12.81 -2.33
N ASP A 149 15.33 -12.34 -2.21
CA ASP A 149 16.20 -12.76 -1.09
C ASP A 149 15.70 -12.12 0.20
N ASP A 150 15.30 -10.86 0.14
CA ASP A 150 14.75 -10.21 1.35
C ASP A 150 13.47 -10.93 1.79
N LEU A 151 12.62 -11.38 0.86
CA LEU A 151 11.38 -12.05 1.27
C LEU A 151 11.75 -13.39 1.95
N ARG A 152 12.81 -14.08 1.52
CA ARG A 152 13.28 -15.34 2.15
C ARG A 152 13.61 -14.99 3.64
N ALA A 153 14.18 -13.82 3.94
CA ALA A 153 14.47 -13.39 5.33
C ALA A 153 13.15 -13.18 6.11
N LEU A 154 12.18 -12.52 5.46
CA LEU A 154 10.89 -12.21 6.09
C LEU A 154 10.14 -13.50 6.46
N ASP A 155 10.30 -14.52 5.64
CA ASP A 155 9.57 -15.80 5.74
C ASP A 155 9.73 -16.33 7.17
N LYS A 156 10.91 -16.23 7.75
CA LYS A 156 11.27 -16.77 9.08
C LYS A 156 10.70 -15.87 10.20
N LEU A 157 10.21 -14.68 9.89
CA LEU A 157 9.78 -13.68 10.91
C LEU A 157 8.27 -13.72 11.06
N ILE A 158 7.54 -14.29 10.11
CA ILE A 158 6.06 -14.22 10.15
C ILE A 158 5.53 -15.23 11.17
N VAL A 159 4.93 -14.77 12.24
CA VAL A 159 4.50 -15.67 13.34
C VAL A 159 3.21 -16.47 12.96
N LYS A 160 2.21 -15.82 12.38
CA LYS A 160 0.96 -16.44 11.90
C LYS A 160 0.61 -15.85 10.54
N PRO A 161 -0.08 -16.58 9.63
CA PRO A 161 -0.48 -16.03 8.34
C PRO A 161 -1.60 -14.98 8.47
N ASN A 162 -2.14 -14.82 9.69
CA ASN A 162 -3.16 -13.75 9.83
C ASN A 162 -2.57 -12.57 10.60
N ALA A 163 -1.33 -12.63 11.08
CA ALA A 163 -0.75 -11.54 11.91
C ALA A 163 0.76 -11.73 12.06
N VAL A 164 1.51 -10.76 11.54
CA VAL A 164 2.96 -10.93 11.35
C VAL A 164 3.65 -11.27 12.68
N ASN A 165 3.22 -10.64 13.77
CA ASN A 165 3.83 -10.82 15.11
C ASN A 165 2.93 -11.70 15.96
N GLY A 166 1.89 -12.34 15.41
CA GLY A 166 1.07 -13.29 16.20
C GLY A 166 -0.26 -12.75 16.63
N GLU A 167 -0.32 -11.48 16.97
CA GLU A 167 -1.57 -10.70 17.21
C GLU A 167 -1.52 -9.50 16.26
N LEU A 168 -2.66 -9.09 15.71
CA LEU A 168 -2.68 -7.98 14.75
C LEU A 168 -2.02 -6.75 15.37
N SER A 169 -1.18 -6.06 14.60
CA SER A 169 -0.38 -4.96 15.17
C SER A 169 -0.16 -3.87 14.14
N GLU A 170 0.41 -2.77 14.59
CA GLU A 170 0.86 -1.68 13.67
C GLU A 170 1.72 -2.25 12.54
N ASP A 171 2.43 -3.36 12.77
CA ASP A 171 3.37 -3.89 11.77
C ASP A 171 2.63 -4.47 10.59
N ASP A 172 1.45 -5.03 10.79
CA ASP A 172 0.68 -5.54 9.63
C ASP A 172 0.27 -4.40 8.71
N ILE A 173 -0.13 -3.28 9.28
CA ILE A 173 -0.55 -2.08 8.52
C ILE A 173 0.66 -1.57 7.70
N GLN A 174 1.89 -1.72 8.22
CA GLN A 174 3.11 -1.23 7.50
C GLN A 174 3.57 -2.25 6.47
N LEU A 175 3.40 -3.52 6.76
CA LEU A 175 3.95 -4.58 5.90
C LEU A 175 3.07 -4.90 4.70
N PHE A 176 1.79 -5.12 4.92
CA PHE A 176 0.91 -5.63 3.87
C PHE A 176 0.93 -4.71 2.66
N PRO A 177 0.82 -3.37 2.78
CA PRO A 177 0.78 -2.57 1.55
C PRO A 177 1.98 -2.78 0.63
N LEU A 178 3.14 -2.97 1.23
CA LEU A 178 4.36 -3.28 0.45
C LEU A 178 4.21 -4.63 -0.23
N LEU A 179 3.81 -5.64 0.52
CA LEU A 179 3.70 -6.97 -0.13
C LEU A 179 2.62 -6.93 -1.24
N ARG A 180 1.52 -6.20 -1.04
CA ARG A 180 0.44 -6.14 -2.01
C ARG A 180 1.04 -5.52 -3.27
N ASN A 181 1.70 -4.38 -3.12
CA ASN A 181 2.22 -3.66 -4.33
C ASN A 181 3.31 -4.46 -5.01
N LEU A 182 4.11 -5.22 -4.26
CA LEU A 182 5.15 -6.07 -4.91
C LEU A 182 4.57 -7.17 -5.78
N THR A 183 3.28 -7.51 -5.67
CA THR A 183 2.69 -8.53 -6.60
C THR A 183 2.55 -7.95 -7.99
N LEU A 184 2.83 -6.67 -8.19
CA LEU A 184 2.91 -6.09 -9.56
C LEU A 184 4.23 -6.43 -10.22
N VAL A 185 5.20 -6.92 -9.47
CA VAL A 185 6.57 -7.11 -9.99
C VAL A 185 6.68 -8.56 -10.49
N ALA A 186 6.66 -8.75 -11.80
CA ALA A 186 6.88 -10.07 -12.41
C ALA A 186 8.29 -10.51 -12.07
N GLY A 187 8.46 -11.78 -11.67
CA GLY A 187 9.78 -12.36 -11.48
C GLY A 187 10.15 -12.60 -10.04
N ILE A 188 9.45 -11.99 -9.08
CA ILE A 188 9.73 -12.28 -7.66
C ILE A 188 9.39 -13.73 -7.35
N ASN A 189 10.25 -14.38 -6.58
CA ASN A 189 10.06 -15.72 -5.99
C ASN A 189 9.49 -15.48 -4.62
N TRP A 190 8.24 -15.92 -4.42
CA TRP A 190 7.51 -15.72 -3.15
C TRP A 190 7.66 -16.95 -2.27
N PRO A 191 8.27 -16.84 -1.08
CA PRO A 191 8.32 -17.97 -0.18
C PRO A 191 6.92 -18.30 0.38
N SER A 192 6.75 -19.53 0.85
CA SER A 192 5.41 -20.09 1.23
C SER A 192 4.75 -19.29 2.33
N ARG A 193 5.46 -19.01 3.42
CA ARG A 193 4.85 -18.38 4.62
C ARG A 193 4.49 -16.96 4.25
N VAL A 194 5.31 -16.30 3.43
CA VAL A 194 5.04 -14.91 3.04
C VAL A 194 3.82 -14.89 2.12
N ALA A 195 3.75 -15.82 1.16
CA ALA A 195 2.60 -15.92 0.23
C ALA A 195 1.31 -16.17 1.03
N ASP A 196 1.37 -16.98 2.09
CA ASP A 196 0.15 -17.27 2.88
C ASP A 196 -0.28 -16.02 3.65
N TYR A 197 0.67 -15.30 4.21
CA TYR A 197 0.41 -14.05 4.93
C TYR A 197 -0.23 -13.07 3.97
N ARG A 198 0.39 -12.90 2.83
CA ARG A 198 -0.08 -11.95 1.79
C ARG A 198 -1.51 -12.32 1.39
N ASP A 199 -1.75 -13.59 1.10
CA ASP A 199 -3.11 -14.01 0.66
C ASP A 199 -4.15 -13.87 1.77
N ASN A 200 -3.80 -14.26 2.99
CA ASN A 200 -4.76 -14.16 4.11
C ASN A 200 -5.07 -12.69 4.36
N MET A 201 -4.05 -11.81 4.31
CA MET A 201 -4.32 -10.41 4.65
CA MET A 201 -4.30 -10.40 4.64
C MET A 201 -5.11 -9.76 3.50
N ALA A 202 -4.88 -10.18 2.26
CA ALA A 202 -5.66 -9.69 1.12
C ALA A 202 -7.13 -10.08 1.30
N LYS A 203 -7.38 -11.31 1.73
CA LYS A 203 -8.78 -11.80 1.95
C LYS A 203 -9.41 -10.99 3.10
N GLN A 204 -8.74 -10.82 4.23
CA GLN A 204 -9.28 -10.12 5.42
C GLN A 204 -9.56 -8.65 5.12
N THR A 205 -8.66 -8.02 4.38
CA THR A 205 -8.73 -6.58 4.05
C THR A 205 -9.64 -6.31 2.87
N GLN A 206 -9.91 -7.32 2.08
CA GLN A 206 -10.67 -7.18 0.80
C GLN A 206 -9.91 -6.24 -0.15
N ILE A 207 -8.61 -6.31 -0.14
CA ILE A 207 -7.75 -5.57 -1.09
C ILE A 207 -7.23 -6.57 -2.11
N ASN A 208 -7.33 -6.22 -3.38
CA ASN A 208 -6.88 -7.13 -4.47
C ASN A 208 -5.35 -7.13 -4.56
N LEU A 209 -4.80 -8.31 -4.89
CA LEU A 209 -3.42 -8.46 -5.36
C LEU A 209 -3.36 -8.17 -6.86
N LEU A 210 -2.14 -7.97 -7.35
CA LEU A 210 -1.92 -7.38 -8.67
C LEU A 210 -1.33 -8.39 -9.65
N SER A 211 -1.23 -9.65 -9.27
CA SER A 211 -0.56 -10.73 -10.03
C SER A 211 -1.01 -10.67 -11.47
N SER A 212 -2.30 -10.46 -11.71
CA SER A 212 -2.88 -10.56 -13.06
C SER A 212 -2.32 -9.45 -13.97
N MET A 213 -1.67 -8.41 -13.43
CA MET A 213 -1.07 -7.41 -14.34
C MET A 213 0.39 -7.22 -14.01
N ALA A 214 1.02 -8.23 -13.43
CA ALA A 214 2.45 -8.13 -13.06
C ALA A 214 3.30 -7.92 -14.33
N ILE A 215 4.33 -7.07 -14.21
CA ILE A 215 5.30 -6.71 -15.32
C ILE A 215 6.74 -6.58 -14.77
ZN ZN B . 2.08 7.41 -5.09
ZN ZN C . -0.49 3.52 13.83
CL CL D . -0.80 3.98 11.57
S SO4 E . 9.14 -22.24 0.13
O1 SO4 E . 10.29 -22.19 -0.71
O2 SO4 E . 7.96 -21.95 -0.65
O3 SO4 E . 9.01 -23.54 0.75
O4 SO4 E . 9.25 -21.25 1.15
CB1 GSF F . 0.84 11.20 3.13
CG1 GSF F . -0.02 10.81 2.05
CD1 GSF F . 0.79 10.90 0.79
OE1 GSF F . 1.88 11.54 0.59
C1 GSF F . -0.61 10.50 4.95
O11 GSF F . 0.03 9.80 5.79
O12 GSF F . -1.76 10.16 4.62
N1 GSF F . 1.10 12.29 5.24
CA1 GSF F . 0.06 11.71 4.34
N2 GSF F . 0.19 10.36 -0.24
CA2 GSF F . 0.66 10.63 -1.56
CB2 GSF F . 0.37 9.44 -2.45
SG2 GSF F . 1.45 8.04 -2.18
O1S GSF F . 2.79 8.60 -2.31
O2S GSF F . 1.22 7.13 -3.44
C2 GSF F . 0.03 11.85 -2.16
O2 GSF F . -1.00 12.24 -1.70
N3 GSF F . 0.60 12.41 -3.23
CA3 GSF F . -0.06 13.48 -3.95
C3 GSF F . 0.83 14.58 -4.43
O31 GSF F . 1.79 14.82 -3.67
O32 GSF F . 0.61 15.22 -5.51
O1 OXY G . 0.90 9.29 -6.31
O2 OXY G . 2.18 9.45 -5.90
#